data_1CHU
#
_entry.id   1CHU
#
_cell.length_a   84.750
_cell.length_b   84.750
_cell.length_c   159.730
_cell.angle_alpha   90.00
_cell.angle_beta   90.00
_cell.angle_gamma   120.00
#
_symmetry.space_group_name_H-M   'P 32 2 1'
#
loop_
_entity.id
_entity.type
_entity.pdbx_description
1 polymer 'PROTEIN (L-ASPARTATE OXIDASE)'
2 water water
#
_entity_poly.entity_id   1
_entity_poly.type   'polypeptide(L)'
_entity_poly.pdbx_seq_one_letter_code
;MNTLPEHSCDVLIIGSGAAGLSLALRLADQHQVIVLSKGPVTEGSTFYAQGGIAAVFDETDSIDSHVEDTLIAGAGICDR
HAVEFVASNARSCVQWLIDQGVLFDTHIQPNGEESYHLTREGGHSHRRILHAADATGREVETTLVSKALNHPNIRVLERT
NAVDLIVSDKIGLPGTRRVVGAWVWNRNKETVETCHAKAVVLATGGASKVYQYTTNPDISSGDGIAMAWRAGCRVANLEF
NQFHPTALYHPQARNFLLTEALRGEGAYLKRPDGTRFMPDFDERGELAPRDIVARAIDHEMKRLGADCMFLDISHKPADF
IRQHFPMIYEKLLGLGIDLTQEPVPIVPAAHYTCGGVMVDDHGRTDVEGLYAIGEVSYTGLHGANRMASNSLLECLVYGW
SAAEDITRRMPYAHDISTLPPWDESRVENPDERVVIQHNWHELRLFMWDYVGIVRTTKRLERALRRITMLQQEIDEYYAH
FRVSNNLLELRNLVQVAELIVRCAMMRKESRGLHFTLDYPELLTHSGPSILSPGNHYINR
;
_entity_poly.pdbx_strand_id   A
#
# COMPACT_ATOMS: atom_id res chain seq x y z
N ASN A 2 -29.01 1.91 -19.39
CA ASN A 2 -27.86 2.74 -19.85
C ASN A 2 -28.25 4.23 -19.71
N THR A 3 -27.48 4.92 -18.86
CA THR A 3 -27.86 6.29 -18.53
C THR A 3 -26.73 7.27 -18.80
N LEU A 4 -27.03 8.56 -18.71
CA LEU A 4 -25.92 9.52 -18.77
C LEU A 4 -25.06 9.48 -17.51
N PRO A 5 -23.78 9.42 -17.61
CA PRO A 5 -22.95 9.26 -16.43
C PRO A 5 -22.89 10.59 -15.70
N GLU A 6 -23.00 10.51 -14.37
CA GLU A 6 -22.92 11.68 -13.53
C GLU A 6 -21.63 12.48 -13.73
N HIS A 7 -20.50 11.89 -14.15
CA HIS A 7 -19.25 12.65 -14.27
C HIS A 7 -18.59 12.21 -15.58
N SER A 8 -17.77 13.04 -16.26
CA SER A 8 -17.11 12.42 -17.40
C SER A 8 -15.85 13.18 -17.67
N CYS A 9 -14.75 12.55 -18.06
CA CYS A 9 -13.52 13.38 -18.12
C CYS A 9 -12.66 12.69 -19.17
N ASP A 10 -11.45 13.11 -19.38
CA ASP A 10 -10.57 12.31 -20.25
C ASP A 10 -9.87 11.22 -19.41
N VAL A 11 -9.28 11.68 -18.29
CA VAL A 11 -8.51 10.79 -17.43
C VAL A 11 -9.07 10.81 -16.00
N LEU A 12 -9.48 9.62 -15.56
CA LEU A 12 -9.86 9.35 -14.19
C LEU A 12 -8.65 8.82 -13.37
N ILE A 13 -8.23 9.56 -12.36
CA ILE A 13 -7.13 9.13 -11.49
C ILE A 13 -7.69 8.74 -10.09
N ILE A 14 -7.55 7.45 -9.75
CA ILE A 14 -8.05 6.96 -8.46
C ILE A 14 -6.89 6.97 -7.45
N GLY A 15 -6.88 7.93 -6.50
CA GLY A 15 -5.84 8.15 -5.52
C GLY A 15 -5.22 9.52 -5.69
N SER A 16 -4.60 10.06 -4.66
CA SER A 16 -4.16 11.42 -4.61
C SER A 16 -2.90 11.52 -3.79
N GLY A 17 -1.90 10.67 -3.93
CA GLY A 17 -0.58 10.95 -3.34
C GLY A 17 0.29 11.49 -4.48
N ALA A 18 1.59 11.47 -4.30
CA ALA A 18 2.55 11.93 -5.28
C ALA A 18 2.32 11.32 -6.65
N ALA A 19 2.05 10.04 -6.75
CA ALA A 19 1.85 9.46 -8.06
C ALA A 19 0.65 10.01 -8.73
N GLY A 20 -0.54 9.92 -8.08
CA GLY A 20 -1.77 10.38 -8.79
C GLY A 20 -1.76 11.89 -8.99
N LEU A 21 -1.33 12.76 -8.10
CA LEU A 21 -1.28 14.19 -8.40
C LEU A 21 -0.15 14.58 -9.35
N SER A 22 1.00 13.96 -9.41
CA SER A 22 2.08 14.31 -10.37
C SER A 22 1.65 13.90 -11.77
N LEU A 23 1.00 12.75 -11.90
CA LEU A 23 0.30 12.43 -13.13
C LEU A 23 -0.79 13.48 -13.49
N ALA A 24 -1.74 13.76 -12.62
CA ALA A 24 -2.82 14.71 -12.92
C ALA A 24 -2.24 16.07 -13.40
N LEU A 25 -1.21 16.55 -12.73
CA LEU A 25 -0.63 17.82 -13.14
C LEU A 25 0.10 17.68 -14.50
N ARG A 26 0.57 16.48 -14.91
CA ARG A 26 1.35 16.43 -16.14
C ARG A 26 0.35 16.44 -17.30
N LEU A 27 -0.85 15.93 -17.05
CA LEU A 27 -1.82 15.85 -18.13
C LEU A 27 -2.78 17.05 -18.23
N ALA A 28 -2.97 17.84 -17.19
CA ALA A 28 -3.98 18.85 -17.00
C ALA A 28 -3.96 20.00 -18.02
N ASP A 29 -2.84 20.49 -18.46
CA ASP A 29 -2.80 21.51 -19.54
C ASP A 29 -3.40 21.04 -20.86
N GLN A 30 -3.38 19.77 -21.24
CA GLN A 30 -4.13 19.37 -22.39
C GLN A 30 -5.32 18.45 -22.15
N HIS A 31 -5.70 18.02 -20.94
CA HIS A 31 -6.84 17.09 -20.87
C HIS A 31 -7.66 17.45 -19.63
N GLN A 32 -8.83 16.84 -19.54
CA GLN A 32 -9.75 17.05 -18.44
C GLN A 32 -9.58 15.88 -17.48
N VAL A 33 -9.01 16.19 -16.33
CA VAL A 33 -8.68 15.15 -15.34
C VAL A 33 -9.64 15.13 -14.18
N ILE A 34 -10.09 14.02 -13.67
CA ILE A 34 -10.78 13.88 -12.38
C ILE A 34 -9.91 13.06 -11.42
N VAL A 35 -9.62 13.62 -10.27
CA VAL A 35 -8.94 12.98 -9.16
C VAL A 35 -9.95 12.51 -8.11
N LEU A 36 -9.88 11.22 -7.80
CA LEU A 36 -10.71 10.58 -6.79
C LEU A 36 -9.95 10.58 -5.48
N SER A 37 -10.43 11.24 -4.47
CA SER A 37 -9.81 11.38 -3.15
C SER A 37 -10.62 10.61 -2.10
N LYS A 38 -9.89 9.79 -1.37
CA LYS A 38 -10.61 9.05 -0.33
C LYS A 38 -11.18 9.93 0.79
N GLY A 39 -10.46 10.82 1.43
CA GLY A 39 -11.18 11.70 2.41
C GLY A 39 -11.08 13.13 1.80
N PRO A 40 -10.89 14.14 2.63
CA PRO A 40 -10.47 15.48 2.23
C PRO A 40 -9.11 15.36 1.56
N VAL A 41 -9.00 16.03 0.44
CA VAL A 41 -7.74 15.90 -0.30
C VAL A 41 -6.63 16.53 0.47
N THR A 42 -6.91 17.46 1.37
CA THR A 42 -5.75 18.01 2.09
C THR A 42 -5.34 17.22 3.33
N GLU A 43 -6.02 16.30 3.96
CA GLU A 43 -5.43 15.86 5.27
C GLU A 43 -4.67 14.58 5.06
N PHE A 57 21.59 12.14 -8.50
CA PHE A 57 21.51 11.54 -9.84
C PHE A 57 22.26 12.46 -10.81
N ASP A 58 23.21 13.19 -10.26
CA ASP A 58 23.88 14.21 -11.10
C ASP A 58 25.01 13.56 -11.89
N GLU A 59 25.97 12.87 -11.27
CA GLU A 59 27.04 12.21 -12.02
C GLU A 59 26.63 10.79 -12.41
N THR A 60 27.24 10.25 -13.44
CA THR A 60 27.04 8.91 -13.95
C THR A 60 27.37 7.84 -12.92
N ASP A 61 28.48 8.01 -12.19
CA ASP A 61 28.84 6.92 -11.29
C ASP A 61 27.63 6.72 -10.40
N SER A 62 26.95 7.79 -10.00
CA SER A 62 25.83 7.75 -9.08
C SER A 62 24.66 6.95 -9.62
N ILE A 63 24.27 7.08 -10.89
CA ILE A 63 23.15 6.25 -11.29
C ILE A 63 23.43 4.74 -11.07
N ASP A 64 24.71 4.45 -11.38
CA ASP A 64 25.21 3.10 -11.44
C ASP A 64 25.20 2.44 -10.08
N SER A 65 25.56 3.25 -9.08
CA SER A 65 25.47 2.83 -7.73
C SER A 65 24.03 2.56 -7.29
N HIS A 66 23.12 3.40 -7.70
CA HIS A 66 21.72 3.32 -7.33
C HIS A 66 21.14 1.99 -7.81
N VAL A 67 21.44 1.67 -9.05
CA VAL A 67 20.97 0.43 -9.66
C VAL A 67 21.50 -0.81 -8.92
N GLU A 68 22.76 -0.77 -8.52
CA GLU A 68 23.46 -1.81 -7.81
C GLU A 68 22.90 -1.98 -6.39
N ASP A 69 22.88 -0.94 -5.58
CA ASP A 69 22.20 -0.98 -4.29
C ASP A 69 20.74 -1.42 -4.41
N THR A 70 20.04 -1.02 -5.47
CA THR A 70 18.66 -1.57 -5.56
C THR A 70 18.69 -3.08 -5.79
N LEU A 71 19.55 -3.58 -6.66
CA LEU A 71 19.62 -5.00 -6.95
C LEU A 71 20.00 -5.79 -5.70
N ILE A 72 20.89 -5.34 -4.90
CA ILE A 72 21.28 -5.87 -3.66
C ILE A 72 20.08 -5.94 -2.69
N ALA A 73 19.47 -4.81 -2.37
CA ALA A 73 18.32 -4.85 -1.42
C ALA A 73 17.18 -5.59 -2.07
N GLY A 74 17.13 -5.81 -3.38
CA GLY A 74 16.12 -6.68 -3.97
C GLY A 74 16.38 -8.19 -3.81
N ALA A 75 17.56 -8.49 -3.25
CA ALA A 75 17.85 -9.90 -2.98
C ALA A 75 17.74 -10.81 -4.17
N GLY A 76 18.02 -10.41 -5.40
CA GLY A 76 18.26 -11.40 -6.45
C GLY A 76 17.09 -11.49 -7.38
N ILE A 77 15.90 -10.91 -7.12
CA ILE A 77 14.83 -11.06 -8.12
C ILE A 77 14.34 -9.71 -8.71
N CYS A 78 15.06 -8.59 -8.53
CA CYS A 78 14.65 -7.43 -9.32
C CYS A 78 14.67 -7.73 -10.82
N ASP A 79 13.79 -7.10 -11.59
CA ASP A 79 13.90 -7.00 -13.02
C ASP A 79 14.88 -5.83 -13.27
N ARG A 80 16.09 -6.10 -13.72
CA ARG A 80 17.07 -5.04 -13.92
C ARG A 80 16.67 -4.04 -15.01
N HIS A 81 15.85 -4.39 -15.96
CA HIS A 81 15.42 -3.36 -16.97
C HIS A 81 14.52 -2.31 -16.30
N ALA A 82 13.63 -2.68 -15.36
CA ALA A 82 12.81 -1.81 -14.54
C ALA A 82 13.62 -1.06 -13.51
N VAL A 83 14.65 -1.67 -12.90
CA VAL A 83 15.53 -0.84 -12.09
C VAL A 83 16.17 0.29 -12.93
N GLU A 84 16.70 -0.08 -14.11
CA GLU A 84 17.50 0.85 -14.89
C GLU A 84 16.60 1.94 -15.50
N PHE A 85 15.42 1.54 -15.90
CA PHE A 85 14.41 2.46 -16.37
C PHE A 85 14.14 3.56 -15.31
N VAL A 86 13.96 3.15 -14.03
CA VAL A 86 13.73 4.15 -13.00
C VAL A 86 14.98 4.95 -12.71
N ALA A 87 16.13 4.29 -12.53
CA ALA A 87 17.35 5.08 -12.19
C ALA A 87 17.69 6.07 -13.30
N SER A 88 17.44 5.71 -14.56
CA SER A 88 17.84 6.66 -15.61
C SER A 88 16.77 7.71 -15.79
N ASN A 89 15.60 7.63 -15.15
CA ASN A 89 14.60 8.70 -15.36
C ASN A 89 14.35 9.47 -14.09
N ALA A 90 15.19 9.28 -13.10
CA ALA A 90 15.03 9.81 -11.76
C ALA A 90 15.40 11.27 -11.65
N ARG A 91 16.57 11.66 -12.04
CA ARG A 91 16.96 13.09 -12.00
C ARG A 91 15.89 13.88 -12.74
N SER A 92 15.37 13.49 -13.91
CA SER A 92 14.48 14.51 -14.45
C SER A 92 13.12 14.50 -13.72
N CYS A 93 12.68 13.36 -13.17
CA CYS A 93 11.39 13.35 -12.48
C CYS A 93 11.40 14.12 -11.15
N VAL A 94 12.58 14.27 -10.59
CA VAL A 94 12.82 15.02 -9.38
C VAL A 94 12.87 16.51 -9.70
N GLN A 95 13.52 16.84 -10.84
CA GLN A 95 13.70 18.25 -11.21
C GLN A 95 12.29 18.80 -11.49
N TRP A 96 11.44 17.97 -12.06
CA TRP A 96 10.05 18.25 -12.38
C TRP A 96 9.34 18.68 -11.06
N LEU A 97 9.81 18.08 -9.95
CA LEU A 97 9.28 18.44 -8.62
C LEU A 97 9.75 19.83 -8.24
N ILE A 98 11.06 20.01 -8.35
CA ILE A 98 11.61 21.35 -8.13
C ILE A 98 10.90 22.32 -9.06
N ASP A 99 10.76 22.15 -10.38
CA ASP A 99 10.07 23.06 -11.24
C ASP A 99 8.63 23.39 -10.88
N GLN A 100 7.92 22.61 -10.12
CA GLN A 100 6.53 22.86 -9.75
C GLN A 100 6.48 23.72 -8.48
N GLY A 101 7.63 24.01 -7.87
CA GLY A 101 7.67 24.89 -6.73
C GLY A 101 7.50 24.04 -5.49
N VAL A 102 7.48 22.74 -5.75
CA VAL A 102 7.35 21.78 -4.64
C VAL A 102 8.74 21.30 -4.29
N LEU A 103 9.63 22.27 -4.02
CA LEU A 103 11.00 22.03 -3.59
C LEU A 103 11.19 20.60 -3.07
N THR A 142 7.39 17.77 -0.96
CA THR A 142 6.22 17.56 -0.12
C THR A 142 4.97 17.60 -0.99
N THR A 143 3.88 18.32 -0.60
CA THR A 143 2.69 18.12 -1.44
C THR A 143 2.38 18.95 -2.67
N LEU A 144 1.54 18.30 -3.46
CA LEU A 144 1.06 18.65 -4.75
C LEU A 144 -0.43 19.06 -4.68
N VAL A 145 -1.01 18.92 -3.48
CA VAL A 145 -2.40 19.29 -3.27
C VAL A 145 -2.66 20.73 -3.72
N SER A 146 -2.04 21.76 -3.20
CA SER A 146 -2.48 23.10 -3.63
C SER A 146 -2.29 23.29 -5.15
N LYS A 147 -1.18 22.70 -5.70
CA LYS A 147 -1.00 22.88 -7.15
C LYS A 147 -2.19 22.24 -7.85
N ALA A 148 -2.68 21.03 -7.51
CA ALA A 148 -3.76 20.48 -8.31
C ALA A 148 -5.10 21.18 -8.05
N LEU A 149 -5.31 21.67 -6.83
CA LEU A 149 -6.57 22.40 -6.57
C LEU A 149 -6.56 23.72 -7.39
N ASN A 150 -5.44 24.39 -7.56
CA ASN A 150 -5.21 25.59 -8.34
C ASN A 150 -5.42 25.37 -9.81
N HIS A 151 -5.37 24.13 -10.33
CA HIS A 151 -5.54 23.94 -11.79
C HIS A 151 -6.94 23.81 -12.20
N PRO A 152 -7.34 24.64 -13.21
CA PRO A 152 -8.74 24.63 -13.66
C PRO A 152 -9.09 23.34 -14.36
N ASN A 153 -8.08 22.55 -14.79
CA ASN A 153 -8.43 21.37 -15.58
C ASN A 153 -8.48 20.10 -14.76
N ILE A 154 -8.19 20.25 -13.47
CA ILE A 154 -8.27 19.07 -12.57
C ILE A 154 -9.48 19.23 -11.67
N ARG A 155 -10.33 18.23 -11.60
CA ARG A 155 -11.43 18.33 -10.64
C ARG A 155 -11.14 17.22 -9.62
N VAL A 156 -11.29 17.59 -8.37
CA VAL A 156 -11.17 16.64 -7.27
C VAL A 156 -12.47 16.21 -6.64
N LEU A 157 -12.94 14.98 -6.71
CA LEU A 157 -14.06 14.46 -5.97
C LEU A 157 -13.59 13.76 -4.67
N GLU A 158 -13.77 14.48 -3.58
CA GLU A 158 -13.51 14.22 -2.21
C GLU A 158 -14.55 13.32 -1.57
N ARG A 159 -14.13 12.57 -0.56
CA ARG A 159 -14.96 11.48 0.04
C ARG A 159 -15.52 10.60 -1.06
N THR A 160 -14.64 10.07 -1.90
CA THR A 160 -15.11 9.08 -2.91
C THR A 160 -14.36 7.78 -2.77
N ASN A 161 -15.00 6.63 -2.95
CA ASN A 161 -14.52 5.28 -2.88
C ASN A 161 -14.96 4.59 -4.19
N ALA A 162 -13.96 4.28 -4.99
CA ALA A 162 -14.17 3.60 -6.26
C ALA A 162 -14.67 2.22 -5.81
N VAL A 163 -15.67 1.75 -6.50
CA VAL A 163 -16.29 0.47 -6.29
C VAL A 163 -15.80 -0.62 -7.21
N ASP A 164 -15.83 -0.40 -8.53
CA ASP A 164 -15.38 -1.36 -9.52
C ASP A 164 -15.12 -0.60 -10.81
N LEU A 165 -14.25 -1.13 -11.65
CA LEU A 165 -13.96 -0.54 -12.95
C LEU A 165 -14.96 -1.06 -14.00
N ILE A 166 -15.39 -0.14 -14.88
CA ILE A 166 -16.30 -0.55 -15.95
C ILE A 166 -15.51 -1.03 -17.17
N VAL A 167 -15.61 -2.29 -17.52
CA VAL A 167 -14.77 -2.88 -18.57
C VAL A 167 -15.67 -3.22 -19.76
N SER A 168 -15.43 -2.73 -20.95
CA SER A 168 -16.30 -2.85 -22.12
C SER A 168 -17.00 -4.16 -22.39
N ASP A 169 -16.29 -5.28 -22.44
CA ASP A 169 -16.90 -6.54 -22.82
C ASP A 169 -17.81 -7.12 -21.76
N LYS A 170 -18.12 -6.24 -20.82
CA LYS A 170 -18.85 -6.66 -19.62
C LYS A 170 -20.10 -5.81 -19.69
N ILE A 171 -19.97 -4.66 -20.36
CA ILE A 171 -21.18 -3.83 -20.48
C ILE A 171 -21.76 -4.11 -21.87
N GLY A 172 -21.44 -5.31 -22.39
CA GLY A 172 -21.90 -5.85 -23.63
C GLY A 172 -21.55 -4.88 -24.75
N LEU A 173 -20.48 -4.13 -24.51
CA LEU A 173 -19.94 -3.27 -25.56
C LEU A 173 -19.02 -4.22 -26.33
N PRO A 174 -18.68 -3.77 -27.53
CA PRO A 174 -17.91 -4.59 -28.45
C PRO A 174 -16.55 -3.95 -28.67
N GLY A 175 -15.61 -4.71 -29.22
CA GLY A 175 -14.29 -4.07 -29.49
C GLY A 175 -13.25 -4.75 -28.64
N THR A 176 -12.00 -4.29 -28.57
CA THR A 176 -11.07 -4.96 -27.64
C THR A 176 -11.61 -4.80 -26.21
N ARG A 177 -11.49 -5.80 -25.32
CA ARG A 177 -11.64 -5.59 -23.90
C ARG A 177 -10.86 -4.34 -23.42
N ARG A 178 -11.55 -3.38 -22.81
CA ARG A 178 -10.91 -2.16 -22.34
C ARG A 178 -11.74 -1.48 -21.21
N VAL A 179 -11.05 -0.66 -20.42
CA VAL A 179 -11.74 0.01 -19.35
C VAL A 179 -12.30 1.32 -19.90
N VAL A 180 -13.52 1.67 -19.50
CA VAL A 180 -14.14 2.91 -19.93
C VAL A 180 -14.71 3.72 -18.79
N GLY A 181 -14.32 3.50 -17.53
CA GLY A 181 -14.70 4.45 -16.44
C GLY A 181 -14.76 3.67 -15.13
N ALA A 182 -15.44 4.23 -14.13
CA ALA A 182 -15.62 3.46 -12.89
C ALA A 182 -16.93 3.83 -12.22
N TRP A 183 -17.52 2.95 -11.46
CA TRP A 183 -18.70 3.19 -10.61
C TRP A 183 -18.02 3.63 -9.27
N VAL A 184 -18.46 4.69 -8.69
CA VAL A 184 -17.87 5.40 -7.60
C VAL A 184 -18.84 5.78 -6.48
N TRP A 185 -18.59 5.27 -5.29
CA TRP A 185 -19.43 5.63 -4.18
C TRP A 185 -19.13 7.05 -3.71
N ASN A 186 -20.07 7.94 -3.77
CA ASN A 186 -19.88 9.33 -3.30
C ASN A 186 -20.43 9.39 -1.88
N ARG A 187 -19.59 9.57 -0.85
CA ARG A 187 -20.06 9.46 0.53
C ARG A 187 -20.82 10.73 0.89
N ASN A 188 -20.81 11.75 0.06
CA ASN A 188 -21.61 12.95 0.39
C ASN A 188 -23.05 12.69 0.02
N LYS A 189 -23.29 12.30 -1.20
CA LYS A 189 -24.63 12.02 -1.68
C LYS A 189 -25.07 10.64 -1.28
N GLU A 190 -24.19 9.78 -0.82
CA GLU A 190 -24.59 8.44 -0.41
C GLU A 190 -25.14 7.57 -1.52
N THR A 191 -24.54 7.71 -2.70
CA THR A 191 -25.04 7.00 -3.88
C THR A 191 -23.84 6.54 -4.71
N VAL A 192 -23.99 5.50 -5.49
CA VAL A 192 -23.01 5.09 -6.46
C VAL A 192 -23.23 5.74 -7.82
N GLU A 193 -22.28 6.58 -8.25
CA GLU A 193 -22.35 7.26 -9.55
C GLU A 193 -21.37 6.70 -10.58
N THR A 194 -21.70 6.93 -11.84
CA THR A 194 -20.91 6.55 -12.98
C THR A 194 -20.00 7.68 -13.42
N CYS A 195 -18.78 7.24 -13.75
CA CYS A 195 -17.74 8.17 -14.18
C CYS A 195 -17.11 7.59 -15.44
N HIS A 196 -17.21 8.35 -16.53
CA HIS A 196 -16.85 7.77 -17.84
C HIS A 196 -15.48 8.30 -18.11
N ALA A 197 -14.52 7.57 -18.61
CA ALA A 197 -13.20 8.15 -18.88
C ALA A 197 -12.60 7.42 -20.11
N LYS A 198 -11.61 7.96 -20.75
CA LYS A 198 -10.87 7.33 -21.86
C LYS A 198 -9.66 6.54 -21.36
N ALA A 199 -9.17 6.94 -20.16
CA ALA A 199 -8.15 6.15 -19.46
C ALA A 199 -8.36 6.32 -17.95
N VAL A 200 -8.19 5.24 -17.20
CA VAL A 200 -8.30 5.15 -15.76
C VAL A 200 -6.95 4.65 -15.17
N VAL A 201 -6.52 5.49 -14.24
CA VAL A 201 -5.26 5.24 -13.60
C VAL A 201 -5.53 4.84 -12.15
N LEU A 202 -5.04 3.65 -11.74
CA LEU A 202 -5.04 3.28 -10.32
C LEU A 202 -3.81 3.84 -9.60
N ALA A 203 -3.91 4.64 -8.56
CA ALA A 203 -2.79 5.24 -7.88
C ALA A 203 -3.02 5.27 -6.36
N THR A 204 -3.67 4.23 -5.88
CA THR A 204 -4.28 4.10 -4.56
C THR A 204 -3.35 3.65 -3.44
N GLY A 205 -2.12 3.28 -3.73
CA GLY A 205 -1.29 2.78 -2.61
C GLY A 205 -1.23 1.25 -2.56
N GLY A 206 -0.86 0.80 -1.33
CA GLY A 206 -0.73 -0.61 -1.08
C GLY A 206 -1.88 -1.31 -0.34
N ALA A 207 -1.60 -2.45 0.28
CA ALA A 207 -2.57 -3.26 0.96
C ALA A 207 -2.23 -3.51 2.44
N SER A 208 -1.41 -2.74 3.12
CA SER A 208 -1.04 -2.94 4.50
C SER A 208 -2.25 -2.96 5.46
N LYS A 209 -3.41 -2.49 5.04
CA LYS A 209 -4.52 -2.55 6.01
C LYS A 209 -5.01 -3.99 6.14
N VAL A 210 -4.61 -5.00 5.35
CA VAL A 210 -5.06 -6.35 5.61
C VAL A 210 -4.55 -6.80 6.98
N TYR A 211 -3.60 -6.14 7.59
CA TYR A 211 -2.88 -6.44 8.81
C TYR A 211 -3.43 -5.49 9.89
N GLN A 212 -3.46 -6.10 11.08
CA GLN A 212 -3.94 -5.47 12.30
C GLN A 212 -3.26 -4.17 12.63
N TYR A 213 -1.94 -4.07 12.52
CA TYR A 213 -1.16 -2.90 12.77
C TYR A 213 -0.67 -2.37 11.41
N THR A 214 -0.93 -1.10 11.09
CA THR A 214 -0.52 -0.61 9.81
C THR A 214 -0.04 0.84 10.04
N THR A 215 0.99 1.34 9.34
CA THR A 215 1.48 2.67 9.58
C THR A 215 0.69 3.73 8.82
N ASN A 216 0.12 3.45 7.64
CA ASN A 216 -0.54 4.48 6.84
C ASN A 216 -1.81 3.93 6.22
N PRO A 217 -2.84 3.77 7.07
CA PRO A 217 -4.11 3.17 6.70
C PRO A 217 -4.90 3.83 5.58
N ASP A 218 -4.87 5.14 5.50
CA ASP A 218 -5.61 5.82 4.43
C ASP A 218 -5.04 5.53 3.04
N ILE A 219 -3.86 4.99 2.90
CA ILE A 219 -3.30 4.71 1.56
C ILE A 219 -3.02 3.24 1.43
N SER A 220 -3.74 2.44 2.24
CA SER A 220 -3.44 1.03 2.30
C SER A 220 -4.59 0.07 2.21
N SER A 221 -5.79 0.50 1.80
CA SER A 221 -6.90 -0.43 1.81
C SER A 221 -6.89 -1.44 0.70
N GLY A 222 -5.96 -1.36 -0.25
CA GLY A 222 -6.03 -2.43 -1.26
C GLY A 222 -7.11 -2.34 -2.34
N ASP A 223 -7.90 -1.27 -2.38
CA ASP A 223 -9.01 -1.18 -3.34
C ASP A 223 -8.52 -1.21 -4.77
N GLY A 224 -7.41 -0.59 -5.08
CA GLY A 224 -6.90 -0.64 -6.46
C GLY A 224 -6.44 -2.02 -6.88
N ILE A 225 -5.76 -2.75 -6.02
CA ILE A 225 -5.29 -4.11 -6.34
C ILE A 225 -6.51 -5.02 -6.56
N ALA A 226 -7.48 -4.89 -5.60
CA ALA A 226 -8.66 -5.74 -5.79
C ALA A 226 -9.48 -5.41 -7.03
N MET A 227 -9.72 -4.14 -7.31
CA MET A 227 -10.47 -3.77 -8.50
C MET A 227 -9.83 -4.26 -9.81
N ALA A 228 -8.55 -4.24 -9.95
CA ALA A 228 -7.68 -4.54 -11.07
C ALA A 228 -7.69 -6.08 -11.25
N TRP A 229 -7.61 -6.79 -10.12
CA TRP A 229 -7.82 -8.26 -10.21
C TRP A 229 -9.21 -8.58 -10.68
N ARG A 230 -10.28 -7.99 -10.15
CA ARG A 230 -11.62 -8.33 -10.64
C ARG A 230 -11.73 -7.96 -12.12
N ALA A 231 -10.99 -7.01 -12.67
CA ALA A 231 -11.14 -6.57 -14.03
C ALA A 231 -10.27 -7.46 -14.92
N GLY A 232 -9.47 -8.39 -14.36
CA GLY A 232 -8.71 -9.29 -15.17
C GLY A 232 -7.21 -9.09 -15.12
N CYS A 233 -6.70 -8.19 -14.24
CA CYS A 233 -5.27 -8.05 -14.20
C CYS A 233 -4.48 -9.05 -13.40
N ARG A 234 -3.28 -9.39 -13.76
CA ARG A 234 -2.38 -10.25 -13.05
C ARG A 234 -1.92 -9.48 -11.81
N VAL A 235 -1.48 -10.18 -10.75
CA VAL A 235 -0.81 -9.43 -9.64
C VAL A 235 0.46 -10.18 -9.39
N ALA A 236 1.45 -9.63 -8.71
CA ALA A 236 2.63 -10.32 -8.37
C ALA A 236 3.30 -9.85 -7.09
N ASN A 237 4.12 -10.71 -6.46
CA ASN A 237 4.98 -10.48 -5.35
C ASN A 237 4.29 -10.01 -4.06
N LEU A 238 3.01 -10.33 -3.87
CA LEU A 238 2.24 -9.85 -2.73
C LEU A 238 2.67 -10.53 -1.40
N GLU A 239 3.69 -11.38 -1.41
CA GLU A 239 4.18 -11.93 -0.10
C GLU A 239 5.28 -10.98 0.42
N PHE A 240 5.65 -9.95 -0.35
CA PHE A 240 6.76 -9.09 0.05
C PHE A 240 6.22 -7.73 0.57
N ASN A 241 5.79 -7.78 1.81
CA ASN A 241 5.19 -6.70 2.61
C ASN A 241 6.16 -6.25 3.70
N GLN A 242 6.59 -5.01 3.70
CA GLN A 242 7.54 -4.45 4.64
C GLN A 242 6.78 -4.07 5.95
N PHE A 243 7.36 -4.36 7.11
CA PHE A 243 6.78 -4.01 8.39
C PHE A 243 7.74 -3.03 9.06
N HIS A 244 7.34 -1.92 9.59
CA HIS A 244 8.23 -1.05 10.36
C HIS A 244 8.33 -1.70 11.75
N PRO A 245 9.49 -1.82 12.39
CA PRO A 245 9.62 -2.54 13.67
C PRO A 245 9.12 -1.80 14.90
N THR A 246 8.98 -0.48 14.89
CA THR A 246 8.64 0.17 16.15
C THR A 246 7.66 1.32 16.01
N ALA A 247 6.39 0.97 15.89
CA ALA A 247 5.33 1.98 15.87
C ALA A 247 4.83 2.18 17.30
N LEU A 248 4.37 3.34 17.70
CA LEU A 248 3.76 3.53 19.00
C LEU A 248 2.57 2.59 19.13
N TYR A 249 2.50 1.86 20.25
CA TYR A 249 1.32 1.09 20.59
C TYR A 249 0.53 1.93 21.60
N HIS A 250 -0.53 2.61 21.22
CA HIS A 250 -1.32 3.42 22.17
C HIS A 250 -2.67 3.77 21.57
N PRO A 251 -3.67 3.96 22.40
CA PRO A 251 -5.05 4.24 21.96
C PRO A 251 -5.20 5.50 21.16
N GLN A 252 -4.43 6.53 21.41
CA GLN A 252 -4.35 7.71 20.55
C GLN A 252 -3.01 7.92 19.86
N ALA A 253 -2.41 6.82 19.37
CA ALA A 253 -1.10 6.91 18.71
C ALA A 253 -1.15 7.69 17.39
N ARG A 254 -2.29 7.52 16.71
CA ARG A 254 -2.52 8.19 15.43
C ARG A 254 -1.40 7.77 14.47
N ASN A 255 -1.07 6.48 14.65
CA ASN A 255 0.01 5.84 13.88
C ASN A 255 1.35 6.56 14.07
N PHE A 256 1.65 7.17 15.20
CA PHE A 256 2.98 7.75 15.37
C PHE A 256 4.02 6.66 15.22
N LEU A 257 5.22 7.02 14.74
CA LEU A 257 6.29 6.06 14.56
C LEU A 257 7.52 6.42 15.39
N LEU A 258 8.17 5.44 15.97
CA LEU A 258 9.41 5.69 16.66
C LEU A 258 10.55 5.41 15.64
N THR A 259 11.28 6.46 15.28
CA THR A 259 12.45 6.49 14.46
C THR A 259 13.56 5.52 14.81
N GLU A 260 14.23 5.01 13.80
CA GLU A 260 15.44 4.23 13.91
C GLU A 260 16.45 5.07 14.72
N ALA A 261 16.44 6.40 14.58
CA ALA A 261 17.52 7.17 15.23
C ALA A 261 17.45 7.09 16.75
N LEU A 262 16.28 6.82 17.34
CA LEU A 262 16.28 6.59 18.80
C LEU A 262 17.23 5.44 19.08
N ARG A 263 17.14 4.45 18.18
CA ARG A 263 18.07 3.32 18.36
C ARG A 263 19.48 3.76 18.02
N GLY A 264 19.68 4.52 16.96
CA GLY A 264 21.07 4.94 16.63
C GLY A 264 21.60 5.83 17.75
N GLU A 265 20.73 6.30 18.66
CA GLU A 265 21.22 7.15 19.75
C GLU A 265 21.28 6.41 21.05
N GLY A 266 21.22 5.10 21.10
CA GLY A 266 21.22 4.31 22.31
C GLY A 266 19.95 3.77 22.89
N ALA A 267 18.74 3.93 22.29
CA ALA A 267 17.56 3.35 23.02
C ALA A 267 17.62 1.84 23.07
N TYR A 268 17.07 1.24 24.11
CA TYR A 268 17.13 -0.22 24.21
C TYR A 268 15.72 -0.76 23.85
N LEU A 269 15.68 -2.03 23.50
CA LEU A 269 14.47 -2.75 23.20
C LEU A 269 14.22 -3.75 24.35
N LYS A 270 13.08 -3.48 25.00
CA LYS A 270 12.74 -4.34 26.13
C LYS A 270 11.50 -5.19 26.07
N ARG A 271 11.55 -6.35 26.70
CA ARG A 271 10.42 -7.17 27.05
C ARG A 271 9.60 -6.46 28.16
N PRO A 272 8.34 -6.79 28.31
CA PRO A 272 7.56 -6.35 29.49
C PRO A 272 8.28 -6.61 30.83
N ASP A 273 8.97 -7.68 31.19
CA ASP A 273 9.78 -7.79 32.41
C ASP A 273 10.81 -6.63 32.45
N GLY A 274 11.16 -6.08 31.31
CA GLY A 274 12.23 -5.06 31.43
C GLY A 274 13.58 -5.54 30.95
N THR A 275 13.75 -6.81 30.55
CA THR A 275 15.01 -7.22 29.98
C THR A 275 15.16 -7.01 28.45
N ARG A 276 16.41 -6.82 27.97
CA ARG A 276 16.79 -6.64 26.59
C ARG A 276 16.77 -7.93 25.80
N PHE A 277 15.93 -8.09 24.74
CA PHE A 277 15.83 -9.34 24.03
C PHE A 277 16.71 -9.44 22.79
N MET A 278 17.25 -8.37 22.23
CA MET A 278 17.97 -8.45 20.93
C MET A 278 19.25 -9.30 20.86
N PRO A 279 20.04 -9.37 21.91
CA PRO A 279 21.27 -10.17 22.00
C PRO A 279 20.85 -11.62 21.89
N ASP A 280 19.57 -11.93 22.13
CA ASP A 280 19.21 -13.33 21.89
C ASP A 280 18.98 -13.46 20.41
N PHE A 281 18.91 -12.41 19.59
CA PHE A 281 18.54 -12.69 18.18
C PHE A 281 19.69 -12.44 17.22
N ASP A 282 20.49 -11.44 17.63
CA ASP A 282 21.51 -10.89 16.76
C ASP A 282 22.53 -10.13 17.61
N GLU A 283 23.80 -10.23 17.21
CA GLU A 283 24.90 -9.53 17.84
C GLU A 283 24.89 -8.05 17.67
N ARG A 284 24.28 -7.49 16.65
CA ARG A 284 24.18 -6.01 16.50
C ARG A 284 23.17 -5.41 17.46
N GLY A 285 22.47 -6.33 18.20
CA GLY A 285 21.50 -5.85 19.21
C GLY A 285 20.49 -4.90 18.55
N GLU A 286 20.29 -3.73 19.12
CA GLU A 286 19.28 -2.78 18.70
C GLU A 286 19.57 -2.14 17.34
N LEU A 287 20.80 -2.41 16.84
CA LEU A 287 21.16 -1.82 15.55
C LEU A 287 21.18 -2.87 14.45
N ALA A 288 20.72 -4.07 14.75
CA ALA A 288 20.50 -5.05 13.70
C ALA A 288 19.57 -4.44 12.61
N PRO A 289 19.60 -4.98 11.39
CA PRO A 289 18.81 -4.52 10.28
C PRO A 289 17.33 -4.57 10.68
N ARG A 290 16.58 -3.60 10.23
CA ARG A 290 15.18 -3.44 10.53
C ARG A 290 14.31 -4.67 10.45
N ASP A 291 14.49 -5.45 9.41
CA ASP A 291 13.71 -6.67 9.24
C ASP A 291 13.94 -7.69 10.36
N ILE A 292 15.16 -7.73 10.87
CA ILE A 292 15.62 -8.56 11.98
C ILE A 292 15.07 -8.04 13.29
N VAL A 293 15.13 -6.74 13.54
CA VAL A 293 14.41 -6.16 14.69
C VAL A 293 12.92 -6.52 14.61
N ALA A 294 12.22 -6.35 13.48
CA ALA A 294 10.81 -6.70 13.44
C ALA A 294 10.57 -8.16 13.76
N ARG A 295 11.42 -9.04 13.21
CA ARG A 295 11.22 -10.49 13.44
C ARG A 295 11.43 -10.86 14.92
N ALA A 296 12.34 -10.15 15.58
CA ALA A 296 12.55 -10.54 17.00
C ALA A 296 11.35 -10.13 17.84
N ILE A 297 10.87 -8.91 17.60
CA ILE A 297 9.68 -8.42 18.27
C ILE A 297 8.48 -9.35 17.97
N ASP A 298 8.30 -9.72 16.67
CA ASP A 298 7.14 -10.53 16.38
C ASP A 298 7.21 -11.80 17.24
N HIS A 299 8.40 -12.41 17.24
CA HIS A 299 8.73 -13.62 17.93
C HIS A 299 8.41 -13.53 19.43
N GLU A 300 9.07 -12.59 20.09
CA GLU A 300 8.77 -12.35 21.48
C GLU A 300 7.27 -12.12 21.77
N MET A 301 6.57 -11.25 21.01
CA MET A 301 5.16 -10.96 21.21
C MET A 301 4.35 -12.25 21.23
N LYS A 302 4.61 -13.18 20.35
CA LYS A 302 3.92 -14.40 20.18
C LYS A 302 4.39 -15.43 21.21
N ARG A 303 5.65 -15.51 21.52
CA ARG A 303 6.24 -16.40 22.48
C ARG A 303 5.73 -16.09 23.91
N LEU A 304 5.44 -14.88 24.31
CA LEU A 304 5.06 -14.54 25.64
C LEU A 304 3.57 -14.24 25.82
N GLY A 305 2.81 -14.24 24.73
CA GLY A 305 1.44 -13.76 24.71
C GLY A 305 1.40 -12.29 25.11
N ALA A 306 2.39 -11.47 24.74
CA ALA A 306 2.40 -10.09 25.13
C ALA A 306 1.76 -9.17 24.08
N ASP A 307 1.24 -8.02 24.50
CA ASP A 307 0.52 -7.14 23.57
C ASP A 307 1.46 -6.28 22.73
N CYS A 308 2.60 -5.94 23.32
CA CYS A 308 3.63 -5.13 22.79
C CYS A 308 4.98 -5.42 23.48
N MET A 309 5.97 -4.64 23.07
CA MET A 309 7.33 -4.69 23.56
C MET A 309 7.69 -3.25 23.92
N PHE A 310 8.93 -2.87 24.21
CA PHE A 310 9.14 -1.51 24.68
C PHE A 310 10.38 -0.89 24.12
N LEU A 311 10.40 0.41 23.91
CA LEU A 311 11.57 1.16 23.49
C LEU A 311 11.94 2.17 24.57
N ASP A 312 13.12 2.11 25.17
CA ASP A 312 13.53 2.95 26.31
C ASP A 312 14.87 3.63 26.23
N ILE A 313 14.96 4.95 26.19
CA ILE A 313 16.23 5.67 26.21
C ILE A 313 16.38 6.34 27.59
N SER A 314 15.87 5.71 28.63
CA SER A 314 15.78 6.43 29.91
C SER A 314 17.17 6.54 30.57
N HIS A 315 17.78 5.38 30.73
CA HIS A 315 19.10 5.09 31.23
C HIS A 315 20.07 6.24 30.89
N LYS A 316 19.75 7.02 29.88
CA LYS A 316 20.67 8.10 29.46
C LYS A 316 20.11 9.51 29.59
N PRO A 317 20.94 10.54 29.86
CA PRO A 317 20.56 12.00 29.80
C PRO A 317 19.58 12.64 28.78
N ALA A 318 18.78 13.23 29.70
CA ALA A 318 17.56 13.99 29.65
C ALA A 318 17.54 15.11 28.63
N ASP A 319 18.18 16.23 28.97
CA ASP A 319 18.39 17.31 28.00
C ASP A 319 19.13 16.67 26.81
N PHE A 320 19.79 15.54 27.11
CA PHE A 320 20.39 14.74 26.06
C PHE A 320 19.25 14.30 25.13
N ILE A 321 18.12 13.97 25.75
CA ILE A 321 16.92 13.58 25.00
C ILE A 321 16.28 14.82 24.38
N ARG A 322 16.15 15.84 25.22
CA ARG A 322 15.51 17.09 24.89
C ARG A 322 16.06 17.76 23.66
N GLN A 323 17.39 17.69 23.52
CA GLN A 323 18.04 18.30 22.35
C GLN A 323 17.86 17.45 21.10
N HIS A 324 17.93 16.14 21.27
CA HIS A 324 17.96 15.24 20.11
C HIS A 324 16.57 14.90 19.59
N PHE A 325 15.60 14.75 20.49
CA PHE A 325 14.26 14.34 20.10
C PHE A 325 13.09 15.08 20.74
N PRO A 326 13.00 16.39 20.55
CA PRO A 326 11.92 17.22 21.04
C PRO A 326 10.55 16.81 20.53
N MET A 327 10.45 16.81 19.20
CA MET A 327 9.21 16.51 18.50
C MET A 327 8.61 15.17 18.95
N ILE A 328 9.47 14.24 19.40
CA ILE A 328 8.97 12.94 19.85
C ILE A 328 8.63 13.09 21.33
N TYR A 329 9.59 13.62 22.05
CA TYR A 329 9.45 13.93 23.47
C TYR A 329 8.10 14.59 23.80
N GLU A 330 7.89 15.73 23.12
CA GLU A 330 6.64 16.44 23.38
C GLU A 330 5.44 15.57 23.01
N LYS A 331 5.48 15.05 21.77
CA LYS A 331 4.34 14.21 21.37
C LYS A 331 4.08 13.15 22.43
N LEU A 332 5.05 12.35 22.86
CA LEU A 332 4.81 11.33 23.88
C LEU A 332 4.37 11.88 25.25
N LEU A 333 4.84 13.08 25.60
CA LEU A 333 4.42 13.75 26.82
C LEU A 333 2.91 14.01 26.83
N GLY A 334 2.47 14.50 25.67
CA GLY A 334 1.07 14.81 25.44
C GLY A 334 0.18 13.57 25.39
N LEU A 335 0.72 12.41 25.70
CA LEU A 335 -0.01 11.17 25.73
C LEU A 335 0.29 10.54 27.10
N GLY A 336 1.10 11.29 27.86
CA GLY A 336 1.31 10.99 29.26
C GLY A 336 2.49 10.03 29.40
N ILE A 337 3.38 10.05 28.40
CA ILE A 337 4.58 9.25 28.39
C ILE A 337 5.80 10.18 28.36
N ASP A 338 6.73 9.97 29.31
CA ASP A 338 7.95 10.79 29.32
C ASP A 338 9.11 9.97 28.73
N LEU A 339 9.58 10.39 27.57
CA LEU A 339 10.70 9.74 26.91
C LEU A 339 11.89 9.84 27.84
N THR A 340 11.73 10.62 28.91
CA THR A 340 12.87 10.77 29.83
C THR A 340 12.90 9.73 30.91
N GLN A 341 11.81 9.12 31.36
CA GLN A 341 11.91 8.18 32.50
C GLN A 341 11.30 6.80 32.36
N GLU A 342 10.70 6.53 31.18
CA GLU A 342 9.91 5.29 31.09
C GLU A 342 10.06 4.67 29.70
N PRO A 343 9.80 3.38 29.62
CA PRO A 343 9.73 2.66 28.35
C PRO A 343 8.55 3.16 27.53
N VAL A 344 8.66 3.06 26.21
CA VAL A 344 7.57 3.46 25.31
C VAL A 344 7.08 2.17 24.69
N PRO A 345 5.80 1.89 24.79
CA PRO A 345 5.22 0.69 24.21
C PRO A 345 5.19 0.68 22.67
N ILE A 346 5.55 -0.46 22.02
CA ILE A 346 5.68 -0.44 20.57
C ILE A 346 5.26 -1.80 19.98
N VAL A 347 4.79 -1.83 18.76
CA VAL A 347 4.53 -3.03 17.97
C VAL A 347 5.04 -2.72 16.56
N PRO A 348 5.36 -3.76 15.82
CA PRO A 348 5.66 -3.64 14.42
C PRO A 348 4.36 -3.23 13.68
N ALA A 349 4.49 -2.62 12.49
CA ALA A 349 3.23 -2.26 11.77
C ALA A 349 3.50 -2.46 10.28
N ALA A 350 2.57 -3.10 9.57
CA ALA A 350 2.70 -3.29 8.11
C ALA A 350 2.77 -1.87 7.50
N HIS A 351 3.78 -1.65 6.67
CA HIS A 351 4.14 -0.37 6.07
C HIS A 351 4.17 -0.23 4.56
N TYR A 352 4.58 -1.18 3.73
CA TYR A 352 4.71 -0.98 2.29
C TYR A 352 4.48 -2.28 1.52
N THR A 353 3.78 -2.24 0.42
CA THR A 353 3.48 -3.40 -0.43
C THR A 353 4.45 -3.40 -1.61
N CYS A 354 5.45 -4.28 -1.63
CA CYS A 354 6.44 -4.29 -2.75
C CYS A 354 5.83 -4.92 -4.01
N GLY A 355 4.76 -5.72 -3.82
CA GLY A 355 4.09 -6.29 -4.94
C GLY A 355 2.84 -5.47 -5.38
N GLY A 356 2.03 -6.09 -6.22
CA GLY A 356 0.85 -5.41 -6.69
C GLY A 356 0.51 -5.80 -8.10
N VAL A 357 -0.30 -4.95 -8.74
CA VAL A 357 -0.78 -5.13 -10.09
C VAL A 357 0.35 -5.01 -11.15
N MET A 358 0.48 -5.96 -12.06
CA MET A 358 1.63 -5.97 -12.99
C MET A 358 1.54 -4.85 -14.05
N VAL A 359 2.63 -4.20 -14.34
CA VAL A 359 2.67 -3.08 -15.26
C VAL A 359 3.99 -3.11 -15.99
N ASP A 360 3.97 -2.52 -17.19
CA ASP A 360 5.17 -2.46 -18.04
C ASP A 360 5.71 -1.08 -17.78
N ASP A 361 6.76 -0.69 -18.52
CA ASP A 361 7.43 0.55 -18.47
C ASP A 361 6.46 1.76 -18.54
N HIS A 362 5.34 1.67 -19.18
CA HIS A 362 4.44 2.84 -19.22
C HIS A 362 3.38 2.78 -18.10
N GLY A 363 3.41 1.80 -17.17
CA GLY A 363 2.38 1.79 -16.15
C GLY A 363 1.10 1.25 -16.68
N ARG A 364 1.11 0.56 -17.79
CA ARG A 364 -0.02 -0.15 -18.34
C ARG A 364 -0.18 -1.53 -17.69
N THR A 365 -1.43 -1.87 -17.42
CA THR A 365 -1.75 -3.14 -16.87
C THR A 365 -2.09 -4.08 -18.03
N ASP A 366 -2.61 -5.26 -17.80
CA ASP A 366 -2.97 -6.20 -18.83
C ASP A 366 -4.26 -5.76 -19.50
N VAL A 367 -4.91 -4.73 -18.98
CA VAL A 367 -6.26 -4.41 -19.52
C VAL A 367 -6.28 -3.02 -20.14
N GLU A 368 -6.39 -2.94 -21.47
CA GLU A 368 -6.40 -1.68 -22.18
C GLU A 368 -7.18 -0.56 -21.49
N GLY A 369 -6.60 0.62 -21.50
CA GLY A 369 -7.10 1.84 -20.91
C GLY A 369 -6.81 1.89 -19.39
N LEU A 370 -6.40 0.79 -18.76
CA LEU A 370 -6.15 0.83 -17.31
C LEU A 370 -4.69 0.98 -16.95
N TYR A 371 -4.29 1.99 -16.17
CA TYR A 371 -2.90 2.04 -15.69
C TYR A 371 -2.82 1.82 -14.16
N ALA A 372 -1.64 1.65 -13.61
CA ALA A 372 -1.40 1.39 -12.18
C ALA A 372 0.02 1.81 -11.93
N ILE A 373 0.07 2.85 -11.09
CA ILE A 373 1.34 3.47 -10.77
C ILE A 373 1.60 3.61 -9.27
N GLY A 374 2.84 3.49 -8.88
CA GLY A 374 3.26 3.57 -7.50
C GLY A 374 3.06 2.26 -6.78
N GLU A 375 2.82 2.39 -5.46
CA GLU A 375 2.85 1.23 -4.54
C GLU A 375 1.83 0.22 -4.93
N VAL A 376 0.76 0.70 -5.56
CA VAL A 376 -0.31 -0.24 -5.97
C VAL A 376 0.16 -1.22 -7.04
N SER A 377 1.35 -0.95 -7.68
CA SER A 377 1.73 -1.83 -8.77
C SER A 377 2.93 -2.69 -8.43
N TYR A 378 3.29 -3.67 -9.25
CA TYR A 378 4.49 -4.47 -9.28
C TYR A 378 5.21 -4.13 -10.63
N THR A 379 6.29 -3.39 -10.61
CA THR A 379 7.02 -2.97 -11.82
C THR A 379 8.23 -3.90 -12.00
N GLY A 380 8.70 -4.43 -10.86
CA GLY A 380 9.88 -5.34 -10.81
C GLY A 380 11.03 -4.49 -10.38
N LEU A 381 10.73 -3.25 -9.95
CA LEU A 381 11.88 -2.43 -9.42
C LEU A 381 12.39 -2.92 -8.09
N HIS A 382 11.41 -3.37 -7.26
CA HIS A 382 11.85 -3.65 -5.86
C HIS A 382 12.44 -5.05 -5.63
N GLY A 383 11.89 -6.04 -6.31
CA GLY A 383 12.23 -7.42 -5.95
C GLY A 383 11.62 -7.74 -4.58
N ALA A 384 12.43 -8.38 -3.75
CA ALA A 384 12.01 -8.90 -2.44
C ALA A 384 12.14 -7.96 -1.26
N ASN A 385 12.43 -6.69 -1.51
CA ASN A 385 12.51 -5.73 -0.40
C ASN A 385 12.41 -4.34 -0.97
N ARG A 386 12.63 -3.34 -0.14
CA ARG A 386 12.44 -1.95 -0.54
C ARG A 386 13.63 -1.16 -0.02
N MET A 387 14.34 -0.51 -0.93
CA MET A 387 15.41 0.35 -0.56
C MET A 387 14.76 1.77 -0.45
N ALA A 388 15.21 2.48 0.57
CA ALA A 388 14.86 3.86 0.83
C ALA A 388 15.02 4.69 -0.43
N SER A 389 14.15 5.56 -0.75
CA SER A 389 13.96 6.49 -1.81
C SER A 389 13.38 5.89 -3.07
N ASN A 390 13.23 4.57 -3.27
CA ASN A 390 12.68 4.02 -4.49
C ASN A 390 11.18 4.07 -4.56
N SER A 391 10.50 4.09 -3.39
CA SER A 391 9.04 4.18 -3.53
C SER A 391 8.61 5.50 -4.16
N LEU A 392 9.17 6.63 -3.77
CA LEU A 392 8.96 7.94 -4.32
C LEU A 392 9.45 8.03 -5.78
N LEU A 393 10.63 7.43 -6.10
CA LEU A 393 11.00 7.49 -7.55
C LEU A 393 10.06 6.65 -8.35
N GLU A 394 9.63 5.46 -7.93
CA GLU A 394 8.68 4.71 -8.72
C GLU A 394 7.45 5.59 -8.97
N CYS A 395 6.86 6.18 -7.93
CA CYS A 395 5.71 7.09 -8.11
C CYS A 395 6.04 8.14 -9.22
N LEU A 396 7.05 8.95 -9.11
CA LEU A 396 7.40 10.01 -10.08
C LEU A 396 7.72 9.57 -11.49
N VAL A 397 8.55 8.52 -11.68
CA VAL A 397 8.94 7.93 -12.94
C VAL A 397 7.76 7.26 -13.62
N TYR A 398 6.92 6.48 -12.93
CA TYR A 398 5.80 5.94 -13.70
C TYR A 398 4.66 6.90 -13.88
N GLY A 399 4.56 7.90 -13.01
CA GLY A 399 3.52 8.93 -13.30
C GLY A 399 4.00 9.65 -14.62
N TRP A 400 5.30 9.89 -14.79
CA TRP A 400 5.80 10.49 -16.04
C TRP A 400 5.54 9.68 -17.29
N SER A 401 5.79 8.34 -17.20
CA SER A 401 5.66 7.56 -18.44
C SER A 401 4.23 7.23 -18.71
N ALA A 402 3.41 7.09 -17.65
CA ALA A 402 2.00 6.78 -17.96
C ALA A 402 1.41 8.07 -18.61
N ALA A 403 1.80 9.24 -18.22
CA ALA A 403 1.32 10.51 -18.73
C ALA A 403 1.61 10.61 -20.24
N GLU A 404 2.86 10.37 -20.60
CA GLU A 404 3.29 10.32 -22.01
C GLU A 404 2.54 9.27 -22.82
N ASP A 405 2.31 8.09 -22.26
CA ASP A 405 1.57 7.06 -22.98
C ASP A 405 0.10 7.44 -23.08
N ILE A 406 -0.49 8.01 -22.01
CA ILE A 406 -1.93 8.33 -22.11
C ILE A 406 -2.17 9.39 -23.18
N THR A 407 -1.38 10.46 -23.18
CA THR A 407 -1.31 11.52 -24.13
C THR A 407 -1.16 11.10 -25.61
N ARG A 408 -0.39 10.06 -25.88
CA ARG A 408 -0.21 9.63 -27.28
C ARG A 408 -1.26 8.63 -27.71
N ARG A 409 -2.08 8.09 -26.79
CA ARG A 409 -3.16 7.21 -27.20
C ARG A 409 -4.56 7.81 -27.15
N MET A 410 -4.72 8.96 -26.53
CA MET A 410 -6.01 9.57 -26.30
C MET A 410 -6.86 9.64 -27.59
N HIS A 414 -10.00 6.71 -28.39
CA HIS A 414 -11.20 7.16 -29.06
C HIS A 414 -12.43 7.22 -28.15
N ASP A 415 -12.91 8.44 -27.96
CA ASP A 415 -14.09 8.80 -27.22
C ASP A 415 -15.34 8.00 -27.57
N ILE A 416 -16.30 7.99 -26.64
CA ILE A 416 -17.61 7.39 -26.84
C ILE A 416 -18.51 7.31 -25.62
N SER A 417 -19.70 6.73 -25.81
CA SER A 417 -20.59 6.19 -24.82
C SER A 417 -21.46 6.97 -23.86
N THR A 418 -22.18 6.13 -23.09
CA THR A 418 -22.96 6.38 -21.92
C THR A 418 -23.16 5.02 -21.27
N LEU A 419 -23.47 4.94 -19.98
CA LEU A 419 -23.24 3.65 -19.28
C LEU A 419 -24.32 3.13 -18.38
N PRO A 420 -24.25 1.89 -18.00
CA PRO A 420 -25.17 1.25 -17.07
C PRO A 420 -24.89 1.67 -15.62
N PRO A 421 -25.94 2.02 -14.89
CA PRO A 421 -25.80 2.53 -13.54
C PRO A 421 -25.44 1.37 -12.63
N TRP A 422 -25.13 1.62 -11.37
CA TRP A 422 -24.99 0.50 -10.44
C TRP A 422 -26.34 -0.04 -9.98
N ASP A 423 -26.39 -1.31 -9.61
CA ASP A 423 -27.55 -2.04 -9.16
C ASP A 423 -28.30 -1.29 -8.06
N GLU A 424 -27.55 -1.05 -7.00
CA GLU A 424 -28.01 -0.44 -5.78
C GLU A 424 -29.15 -1.24 -5.15
N SER A 425 -28.69 -2.41 -4.67
CA SER A 425 -29.62 -3.27 -3.90
C SER A 425 -29.57 -2.45 -2.59
N ARG A 426 -30.70 -2.31 -1.93
CA ARG A 426 -30.77 -1.35 -0.82
C ARG A 426 -31.10 -2.04 0.49
N VAL A 427 -30.77 -3.34 0.53
CA VAL A 427 -31.05 -4.21 1.65
C VAL A 427 -30.59 -3.64 3.00
N GLU A 428 -31.52 -3.63 3.93
CA GLU A 428 -31.16 -3.04 5.21
C GLU A 428 -31.24 -4.05 6.35
N ASN A 429 -30.15 -4.45 6.96
CA ASN A 429 -30.24 -5.37 8.13
C ASN A 429 -29.21 -4.85 9.15
N PRO A 430 -29.62 -3.97 10.02
CA PRO A 430 -28.68 -3.38 10.92
C PRO A 430 -27.80 -4.39 11.68
N ASP A 431 -28.23 -5.58 12.08
CA ASP A 431 -27.42 -6.50 12.86
C ASP A 431 -26.32 -7.16 12.00
N GLU A 432 -26.67 -7.50 10.76
CA GLU A 432 -25.73 -8.08 9.80
C GLU A 432 -24.69 -7.04 9.49
N ARG A 433 -25.08 -5.77 9.53
CA ARG A 433 -24.14 -4.69 9.26
C ARG A 433 -23.10 -4.73 10.38
N VAL A 434 -23.50 -5.01 11.60
CA VAL A 434 -22.52 -5.06 12.70
C VAL A 434 -21.59 -6.26 12.47
N VAL A 435 -22.00 -7.35 11.84
CA VAL A 435 -21.08 -8.45 11.57
C VAL A 435 -20.01 -8.08 10.54
N ILE A 436 -20.36 -7.27 9.52
CA ILE A 436 -19.43 -6.82 8.52
C ILE A 436 -18.21 -6.27 9.28
N GLN A 437 -18.42 -5.48 10.30
CA GLN A 437 -17.29 -4.95 11.08
C GLN A 437 -16.53 -5.98 11.89
N HIS A 438 -17.29 -6.97 12.47
CA HIS A 438 -16.64 -8.04 13.19
C HIS A 438 -15.69 -8.73 12.18
N ASN A 439 -16.24 -9.04 11.00
CA ASN A 439 -15.45 -9.71 9.95
C ASN A 439 -14.14 -9.00 9.55
N TRP A 440 -14.20 -7.68 9.47
CA TRP A 440 -13.12 -6.77 9.21
C TRP A 440 -12.03 -6.91 10.28
N HIS A 441 -12.32 -6.86 11.58
CA HIS A 441 -11.31 -7.09 12.58
C HIS A 441 -10.73 -8.52 12.52
N GLU A 442 -11.58 -9.49 12.34
CA GLU A 442 -11.16 -10.88 12.35
C GLU A 442 -10.12 -11.11 11.24
N LEU A 443 -10.38 -10.53 10.03
CA LEU A 443 -9.43 -10.70 8.94
C LEU A 443 -8.08 -10.11 9.33
N ARG A 444 -8.07 -8.94 9.93
CA ARG A 444 -6.88 -8.22 10.25
C ARG A 444 -6.06 -8.90 11.35
N LEU A 445 -6.79 -9.52 12.30
CA LEU A 445 -6.05 -10.22 13.36
C LEU A 445 -5.46 -11.51 12.78
N PHE A 446 -6.19 -12.32 12.02
CA PHE A 446 -5.66 -13.62 11.61
C PHE A 446 -4.56 -13.42 10.55
N MET A 447 -4.58 -12.34 9.80
CA MET A 447 -3.49 -12.18 8.84
C MET A 447 -2.19 -11.88 9.56
N TRP A 448 -2.29 -11.07 10.61
CA TRP A 448 -1.20 -10.78 11.50
C TRP A 448 -0.58 -12.06 12.09
N ASP A 449 -1.46 -13.01 12.47
CA ASP A 449 -0.85 -14.26 12.98
C ASP A 449 -0.37 -15.20 11.85
N TYR A 450 -1.13 -15.34 10.78
CA TYR A 450 -0.94 -16.40 9.81
C TYR A 450 -0.30 -15.94 8.51
N VAL A 451 -0.01 -14.66 8.24
CA VAL A 451 0.82 -14.32 7.05
C VAL A 451 1.65 -13.09 7.43
N GLY A 452 2.07 -13.14 8.66
CA GLY A 452 2.72 -12.01 9.32
C GLY A 452 4.20 -11.95 9.13
N ILE A 453 4.88 -11.37 10.09
CA ILE A 453 6.35 -11.18 9.98
C ILE A 453 7.13 -12.49 9.88
N VAL A 454 6.81 -13.48 10.71
CA VAL A 454 7.49 -14.80 10.65
C VAL A 454 6.47 -15.76 10.08
N ARG A 455 6.72 -16.56 9.07
CA ARG A 455 5.74 -17.47 8.56
C ARG A 455 6.07 -18.96 8.73
N THR A 456 5.10 -19.83 8.47
CA THR A 456 5.39 -21.26 8.42
C THR A 456 4.37 -21.85 7.49
N THR A 457 4.60 -23.08 6.97
CA THR A 457 3.54 -23.57 6.07
C THR A 457 2.23 -23.83 6.80
N LYS A 458 2.25 -24.34 8.07
CA LYS A 458 0.93 -24.59 8.67
C LYS A 458 0.22 -23.28 9.07
N ARG A 459 0.94 -22.19 9.34
CA ARG A 459 0.18 -20.94 9.59
C ARG A 459 -0.51 -20.49 8.31
N LEU A 460 0.17 -20.57 7.14
CA LEU A 460 -0.40 -20.13 5.86
C LEU A 460 -1.63 -20.93 5.52
N GLU A 461 -1.65 -22.24 5.76
CA GLU A 461 -2.86 -23.03 5.47
C GLU A 461 -4.03 -22.60 6.35
N ARG A 462 -3.78 -22.13 7.53
CA ARG A 462 -4.76 -21.60 8.44
C ARG A 462 -5.29 -20.26 7.90
N ALA A 463 -4.49 -19.41 7.30
CA ALA A 463 -4.97 -18.17 6.75
C ALA A 463 -5.90 -18.48 5.56
N LEU A 464 -5.47 -19.37 4.70
CA LEU A 464 -6.20 -19.67 3.49
C LEU A 464 -7.60 -20.18 3.83
N ARG A 465 -7.60 -21.11 4.76
CA ARG A 465 -8.85 -21.71 5.20
C ARG A 465 -9.73 -20.60 5.76
N ARG A 466 -9.27 -19.61 6.51
CA ARG A 466 -10.07 -18.54 7.02
C ARG A 466 -10.50 -17.55 5.91
N ILE A 467 -9.62 -17.23 4.94
CA ILE A 467 -9.98 -16.31 3.89
C ILE A 467 -11.09 -16.98 3.06
N THR A 468 -11.01 -18.28 2.84
CA THR A 468 -12.05 -18.95 2.05
C THR A 468 -13.39 -18.92 2.74
N MET A 469 -13.40 -19.05 4.04
CA MET A 469 -14.60 -19.02 4.83
C MET A 469 -15.22 -17.62 4.73
N LEU A 470 -14.44 -16.57 4.91
CA LEU A 470 -14.99 -15.25 4.77
C LEU A 470 -15.58 -15.00 3.37
N GLN A 471 -14.88 -15.38 2.30
CA GLN A 471 -15.38 -15.21 0.93
C GLN A 471 -16.74 -15.91 0.80
N GLN A 472 -16.81 -17.14 1.32
CA GLN A 472 -18.13 -17.83 1.28
C GLN A 472 -19.16 -17.10 2.13
N GLU A 473 -18.81 -16.48 3.24
CA GLU A 473 -19.86 -15.75 4.01
C GLU A 473 -20.34 -14.50 3.30
N ILE A 474 -19.36 -13.76 2.76
CA ILE A 474 -19.63 -12.57 2.01
C ILE A 474 -20.65 -12.84 0.90
N ASP A 475 -20.43 -13.82 0.08
CA ASP A 475 -21.35 -14.22 -0.98
C ASP A 475 -22.73 -14.63 -0.47
N GLU A 476 -22.79 -15.58 0.43
CA GLU A 476 -24.02 -16.02 1.03
C GLU A 476 -24.75 -14.88 1.74
N TYR A 477 -24.20 -14.02 2.60
CA TYR A 477 -24.97 -13.12 3.41
C TYR A 477 -25.03 -11.68 2.99
N TYR A 478 -24.05 -11.19 2.18
CA TYR A 478 -24.07 -9.80 1.82
C TYR A 478 -24.51 -9.59 0.36
N ALA A 479 -24.88 -10.62 -0.42
CA ALA A 479 -25.22 -10.28 -1.82
C ALA A 479 -26.10 -9.06 -1.91
N HIS A 480 -25.84 -8.05 -2.74
CA HIS A 480 -26.59 -6.82 -2.88
C HIS A 480 -26.97 -6.09 -1.61
N PHE A 481 -26.37 -6.32 -0.46
CA PHE A 481 -26.44 -5.25 0.55
C PHE A 481 -26.11 -3.93 -0.18
N ARG A 482 -26.58 -2.82 0.36
CA ARG A 482 -26.25 -1.47 -0.06
C ARG A 482 -24.80 -1.16 0.33
N VAL A 483 -24.11 -0.43 -0.58
CA VAL A 483 -22.70 -0.16 -0.44
C VAL A 483 -22.45 0.65 0.80
N SER A 484 -21.37 0.43 1.54
CA SER A 484 -21.03 1.33 2.62
C SER A 484 -19.49 1.24 2.65
N ASN A 485 -18.77 2.12 3.27
CA ASN A 485 -17.32 1.98 3.21
C ASN A 485 -16.82 0.69 3.87
N ASN A 486 -17.42 0.33 5.02
CA ASN A 486 -17.03 -0.86 5.71
C ASN A 486 -17.16 -2.10 4.85
N LEU A 487 -18.26 -2.26 4.15
CA LEU A 487 -18.51 -3.35 3.25
C LEU A 487 -17.54 -3.34 2.05
N LEU A 488 -17.19 -2.19 1.49
CA LEU A 488 -16.23 -2.19 0.36
C LEU A 488 -14.83 -2.56 0.83
N GLU A 489 -14.48 -1.99 1.99
CA GLU A 489 -13.21 -2.37 2.56
C GLU A 489 -13.12 -3.86 2.88
N LEU A 490 -14.18 -4.44 3.42
CA LEU A 490 -14.03 -5.88 3.74
C LEU A 490 -13.80 -6.73 2.52
N ARG A 491 -14.58 -6.47 1.47
CA ARG A 491 -14.60 -7.20 0.22
C ARG A 491 -13.25 -7.10 -0.47
N ASN A 492 -12.68 -5.90 -0.45
CA ASN A 492 -11.38 -5.73 -1.01
C ASN A 492 -10.26 -6.27 -0.10
N LEU A 493 -10.36 -6.16 1.22
CA LEU A 493 -9.28 -6.68 2.09
C LEU A 493 -9.24 -8.20 1.95
N VAL A 494 -10.43 -8.82 1.86
CA VAL A 494 -10.46 -10.28 1.74
C VAL A 494 -9.96 -10.70 0.37
N GLN A 495 -10.26 -9.93 -0.68
CA GLN A 495 -9.74 -10.33 -2.00
C GLN A 495 -8.22 -10.23 -1.97
N VAL A 496 -7.69 -9.10 -1.43
CA VAL A 496 -6.23 -8.94 -1.44
C VAL A 496 -5.62 -9.98 -0.51
N ALA A 497 -6.19 -10.30 0.66
CA ALA A 497 -5.59 -11.31 1.51
C ALA A 497 -5.48 -12.65 0.80
N GLU A 498 -6.45 -13.04 -0.03
CA GLU A 498 -6.31 -14.30 -0.74
C GLU A 498 -5.10 -14.25 -1.65
N LEU A 499 -4.86 -13.14 -2.35
CA LEU A 499 -3.71 -13.04 -3.24
C LEU A 499 -2.44 -13.06 -2.45
N ILE A 500 -2.36 -12.36 -1.31
CA ILE A 500 -1.20 -12.34 -0.45
C ILE A 500 -0.89 -13.76 0.05
N VAL A 501 -1.88 -14.56 0.52
CA VAL A 501 -1.46 -15.92 1.00
C VAL A 501 -1.09 -16.87 -0.13
N ARG A 502 -1.73 -16.74 -1.31
CA ARG A 502 -1.42 -17.66 -2.41
C ARG A 502 0.02 -17.37 -2.86
N CYS A 503 0.45 -16.09 -2.91
CA CYS A 503 1.82 -15.81 -3.25
C CYS A 503 2.72 -16.40 -2.18
N ALA A 504 2.43 -16.18 -0.87
CA ALA A 504 3.36 -16.73 0.12
C ALA A 504 3.41 -18.26 0.07
N MET A 505 2.30 -18.95 -0.15
CA MET A 505 2.31 -20.44 -0.11
C MET A 505 3.11 -20.99 -1.27
N MET A 506 3.32 -20.13 -2.29
CA MET A 506 4.00 -20.48 -3.53
C MET A 506 5.52 -20.46 -3.33
N ARG A 507 6.09 -19.63 -2.49
CA ARG A 507 7.54 -19.47 -2.43
C ARG A 507 8.12 -20.33 -1.31
N LYS A 508 8.97 -21.28 -1.68
CA LYS A 508 9.50 -22.34 -0.86
C LYS A 508 10.90 -21.97 -0.44
N GLU A 509 11.01 -20.76 0.10
CA GLU A 509 12.38 -20.27 0.42
C GLU A 509 12.18 -18.99 1.24
N SER A 510 13.12 -18.48 1.94
CA SER A 510 13.11 -17.23 2.58
C SER A 510 13.99 -16.30 1.73
N ARG A 511 13.42 -15.21 1.25
CA ARG A 511 14.13 -14.24 0.46
C ARG A 511 13.55 -12.87 0.85
N GLY A 512 14.40 -11.94 1.21
CA GLY A 512 13.96 -10.60 1.49
C GLY A 512 12.88 -10.66 2.58
N LEU A 513 11.77 -10.00 2.32
CA LEU A 513 10.68 -9.83 3.26
C LEU A 513 9.87 -11.08 3.49
N HIS A 514 10.05 -12.16 2.77
CA HIS A 514 9.37 -13.44 2.98
C HIS A 514 10.30 -14.37 3.76
N PHE A 515 9.95 -14.60 5.03
CA PHE A 515 10.72 -15.39 5.99
C PHE A 515 9.84 -16.52 6.58
N THR A 516 10.17 -17.76 6.23
CA THR A 516 9.32 -18.89 6.59
C THR A 516 10.18 -19.93 7.30
N LEU A 517 9.79 -20.39 8.48
CA LEU A 517 10.60 -21.35 9.23
C LEU A 517 10.77 -22.72 8.53
N ASP A 518 9.91 -23.13 7.65
CA ASP A 518 10.04 -24.36 6.93
C ASP A 518 11.01 -24.32 5.76
N TYR A 519 11.50 -23.12 5.38
CA TYR A 519 12.41 -23.07 4.22
C TYR A 519 13.38 -21.92 4.42
N PRO A 520 14.23 -22.03 5.41
CA PRO A 520 15.16 -21.00 5.78
C PRO A 520 16.14 -20.62 4.66
N GLU A 521 16.34 -21.45 3.65
CA GLU A 521 17.36 -21.12 2.64
C GLU A 521 16.78 -20.48 1.37
N LEU A 522 17.68 -19.92 0.58
CA LEU A 522 17.31 -19.46 -0.79
C LEU A 522 17.20 -20.61 -1.78
N LEU A 523 16.35 -20.64 -2.76
CA LEU A 523 16.36 -21.57 -3.86
C LEU A 523 17.48 -21.19 -4.85
N THR A 524 17.92 -22.09 -5.76
CA THR A 524 18.99 -21.69 -6.69
C THR A 524 18.41 -20.89 -7.85
N HIS A 525 17.21 -21.15 -8.28
CA HIS A 525 16.46 -20.52 -9.33
C HIS A 525 15.17 -19.94 -8.68
N SER A 526 15.03 -18.64 -8.87
CA SER A 526 13.92 -17.91 -8.32
C SER A 526 13.45 -16.82 -9.26
N GLY A 527 12.42 -16.09 -8.96
CA GLY A 527 11.80 -15.03 -9.73
C GLY A 527 10.56 -14.59 -8.91
N PRO A 528 9.75 -13.73 -9.46
CA PRO A 528 8.59 -13.22 -8.81
C PRO A 528 7.51 -14.26 -8.66
N SER A 529 6.54 -14.05 -7.76
CA SER A 529 5.35 -14.89 -7.65
C SER A 529 4.26 -14.16 -8.44
N ILE A 530 3.62 -14.83 -9.37
CA ILE A 530 2.70 -14.27 -10.36
C ILE A 530 1.38 -15.06 -10.24
N LEU A 531 0.26 -14.36 -10.14
CA LEU A 531 -1.03 -15.05 -10.10
C LEU A 531 -1.85 -14.44 -11.24
N SER A 532 -2.76 -15.21 -11.76
CA SER A 532 -3.56 -14.85 -12.92
C SER A 532 -5.00 -15.14 -12.66
N PRO A 533 -5.90 -14.21 -12.82
CA PRO A 533 -7.30 -14.41 -12.51
C PRO A 533 -8.02 -15.33 -13.53
#